data_2PZH
#
_entry.id   2PZH
#
_cell.length_a   49.860
_cell.length_b   99.206
_cell.length_c   107.288
_cell.angle_alpha   90.00
_cell.angle_beta   90.00
_cell.angle_gamma   90.00
#
_symmetry.space_group_name_H-M   'P 21 21 21'
#
loop_
_entity.id
_entity.type
_entity.pdbx_description
1 polymer 'Hypothetical protein HP_0496'
2 water water
#
_entity_poly.entity_id   1
_entity_poly.type   'polypeptide(L)'
_entity_poly.pdbx_seq_one_letter_code
;THMRCRVYYEDTDSEGVVYHANYLKYCERARSEFFFKQNVLPENEEGVFVIRSIKADFFTPASLGQVLEIRTQIKELRKV
FVVLFQEIYCIQNASLEPMKPFKVFASEIKFGFVNRSTYSPIAIPKLFKELLNAI
;
_entity_poly.pdbx_strand_id   A,C,D,B
#
# COMPACT_ATOMS: atom_id res chain seq x y z
N THR A 1 25.39 8.10 5.15
CA THR A 1 25.33 6.71 5.73
C THR A 1 23.90 6.29 6.04
N HIS A 2 23.53 5.10 5.54
CA HIS A 2 22.21 4.49 5.75
C HIS A 2 21.08 5.30 5.11
N MET A 3 19.87 4.76 5.24
CA MET A 3 18.67 5.48 4.84
C MET A 3 17.76 5.61 6.05
N ARG A 4 17.03 6.72 6.14
CA ARG A 4 16.10 6.95 7.23
C ARG A 4 14.69 7.10 6.67
N CYS A 5 13.72 6.44 7.32
CA CYS A 5 12.32 6.44 6.91
C CYS A 5 11.47 6.91 8.09
N ARG A 6 10.52 7.82 7.84
CA ARG A 6 9.56 8.20 8.87
C ARG A 6 8.36 7.24 8.81
N VAL A 7 7.81 6.87 9.97
CA VAL A 7 6.58 6.05 10.01
C VAL A 7 5.37 6.98 9.96
N TYR A 8 4.60 6.86 8.87
CA TYR A 8 3.42 7.71 8.66
C TYR A 8 2.14 6.91 8.88
N TYR A 9 0.99 7.58 8.90
CA TYR A 9 -0.29 6.84 9.07
C TYR A 9 -0.46 5.70 8.09
N GLU A 10 -0.03 5.92 6.84
CA GLU A 10 -0.18 4.91 5.79
C GLU A 10 0.55 3.59 6.14
N ASP A 11 1.56 3.70 7.02
CA ASP A 11 2.40 2.57 7.36
C ASP A 11 1.86 1.78 8.54
N THR A 12 0.93 2.37 9.27
CA THR A 12 0.47 1.76 10.51
C THR A 12 -0.76 0.90 10.27
N ASP A 13 -1.07 0.04 11.23
CA ASP A 13 -2.36 -0.68 11.22
C ASP A 13 -3.17 -0.42 12.48
N SER A 14 -4.32 -1.10 12.59
CA SER A 14 -5.26 -0.82 13.68
C SER A 14 -4.67 -1.14 15.05
N GLU A 15 -3.64 -1.99 15.08
CA GLU A 15 -2.96 -2.29 16.35
C GLU A 15 -2.06 -1.14 16.79
N GLY A 16 -1.85 -0.16 15.91
CA GLY A 16 -1.00 0.99 16.21
C GLY A 16 0.48 0.81 15.88
N VAL A 17 0.83 -0.25 15.18
CA VAL A 17 2.21 -0.47 14.80
C VAL A 17 2.32 -0.58 13.29
N VAL A 18 3.54 -0.62 12.78
CA VAL A 18 3.75 -0.75 11.36
C VAL A 18 3.24 -2.11 10.89
N TYR A 19 2.44 -2.09 9.83
CA TYR A 19 1.92 -3.32 9.21
C TYR A 19 3.11 -4.14 8.69
N HIS A 20 3.11 -5.45 8.97
CA HIS A 20 4.35 -6.22 8.82
C HIS A 20 5.03 -6.13 7.43
N ALA A 21 4.26 -6.20 6.35
CA ALA A 21 4.84 -6.13 5.00
C ALA A 21 5.54 -4.82 4.68
N ASN A 22 5.18 -3.75 5.39
CA ASN A 22 5.78 -2.43 5.13
C ASN A 22 7.28 -2.40 5.42
N TYR A 23 7.76 -3.29 6.29
CA TYR A 23 9.19 -3.33 6.57
C TYR A 23 9.96 -3.73 5.31
N LEU A 24 9.37 -4.62 4.52
CA LEU A 24 9.91 -4.99 3.23
CA LEU A 24 9.91 -4.99 3.22
C LEU A 24 10.00 -3.79 2.28
N LYS A 25 8.95 -2.97 2.25
CA LYS A 25 9.03 -1.72 1.46
C LYS A 25 10.20 -0.84 1.89
N TYR A 26 10.35 -0.62 3.20
CA TYR A 26 11.50 0.15 3.69
C TYR A 26 12.85 -0.44 3.21
N CYS A 27 12.98 -1.76 3.29
CA CYS A 27 14.21 -2.41 2.85
C CYS A 27 14.42 -2.18 1.35
N GLU A 28 13.34 -2.28 0.58
CA GLU A 28 13.40 -2.07 -0.85
C GLU A 28 13.88 -0.66 -1.15
N ARG A 29 13.29 0.32 -0.48
CA ARG A 29 13.71 1.72 -0.71
C ARG A 29 15.24 1.84 -0.52
N ALA A 30 15.73 1.27 0.57
CA ALA A 30 17.18 1.30 0.88
C ALA A 30 18.06 0.78 -0.25
N ARG A 31 17.66 -0.36 -0.80
CA ARG A 31 18.36 -0.99 -1.89
C ARG A 31 18.34 -0.11 -3.13
N SER A 32 17.15 0.36 -3.50
CA SER A 32 17.01 1.20 -4.71
C SER A 32 17.74 2.53 -4.58
N GLU A 33 17.71 3.13 -3.39
CA GLU A 33 18.39 4.41 -3.21
C GLU A 33 19.90 4.29 -3.46
N PHE A 34 20.51 3.14 -3.19
CA PHE A 34 21.95 2.98 -3.48
C PHE A 34 22.22 3.20 -4.97
N PHE A 35 21.29 2.75 -5.81
CA PHE A 35 21.41 2.96 -7.24
C PHE A 35 21.04 4.39 -7.58
N PHE A 36 19.89 4.85 -7.11
CA PHE A 36 19.49 6.23 -7.38
C PHE A 36 20.59 7.23 -7.04
N LYS A 37 21.32 6.98 -5.94
CA LYS A 37 22.37 7.90 -5.51
C LYS A 37 23.61 7.90 -6.42
N GLN A 38 23.70 6.89 -7.30
CA GLN A 38 24.72 6.83 -8.35
C GLN A 38 24.08 7.14 -9.70
N ASN A 39 22.93 7.78 -9.64
CA ASN A 39 22.21 8.29 -10.82
C ASN A 39 21.78 7.21 -11.81
N VAL A 40 21.47 6.02 -11.30
CA VAL A 40 21.00 4.93 -12.15
C VAL A 40 19.79 4.27 -11.53
N LEU A 41 19.02 3.55 -12.35
CA LEU A 41 17.94 2.71 -11.84
C LEU A 41 18.53 1.31 -11.60
N PRO A 42 17.92 0.53 -10.68
CA PRO A 42 18.42 -0.82 -10.41
C PRO A 42 17.96 -1.84 -11.44
N GLU A 43 18.06 -1.45 -12.71
CA GLU A 43 17.68 -2.30 -13.84
C GLU A 43 18.39 -1.74 -15.05
N ASN A 44 18.52 -2.53 -16.11
CA ASN A 44 19.20 -2.05 -17.31
C ASN A 44 18.53 -2.53 -18.61
N GLU A 45 19.18 -2.26 -19.75
CA GLU A 45 18.57 -2.45 -21.07
C GLU A 45 18.07 -3.87 -21.38
N GLU A 46 18.67 -4.89 -20.77
CA GLU A 46 18.14 -6.25 -20.93
C GLU A 46 18.19 -7.12 -19.66
N GLY A 47 18.03 -6.51 -18.49
CA GLY A 47 17.99 -7.30 -17.26
C GLY A 47 17.39 -6.57 -16.08
N VAL A 48 16.96 -7.35 -15.09
CA VAL A 48 16.31 -6.82 -13.91
C VAL A 48 16.63 -7.74 -12.71
N PHE A 49 16.63 -7.19 -11.50
CA PHE A 49 16.85 -8.01 -10.31
C PHE A 49 15.56 -8.68 -9.92
N VAL A 50 15.64 -9.92 -9.49
CA VAL A 50 14.43 -10.58 -9.03
C VAL A 50 14.67 -11.24 -7.71
N ILE A 51 13.77 -10.98 -6.78
CA ILE A 51 13.85 -11.53 -5.44
C ILE A 51 13.57 -13.01 -5.51
N ARG A 52 14.47 -13.79 -4.90
CA ARG A 52 14.36 -15.24 -4.84
C ARG A 52 13.76 -15.68 -3.52
N SER A 53 14.24 -15.09 -2.43
CA SER A 53 13.81 -15.55 -1.13
C SER A 53 14.06 -14.51 -0.05
N ILE A 54 13.28 -14.59 1.00
CA ILE A 54 13.48 -13.71 2.13
C ILE A 54 13.42 -14.50 3.43
N LYS A 55 14.30 -14.15 4.35
CA LYS A 55 14.21 -14.63 5.70
C LYS A 55 14.11 -13.36 6.55
N ALA A 56 13.03 -13.25 7.33
CA ALA A 56 12.80 -12.04 8.12
C ALA A 56 12.40 -12.36 9.56
N ASP A 57 12.97 -11.58 10.49
CA ASP A 57 12.65 -11.69 11.89
C ASP A 57 12.11 -10.35 12.36
N PHE A 58 11.10 -10.39 13.21
CA PHE A 58 10.45 -9.20 13.75
C PHE A 58 10.82 -9.02 15.20
N PHE A 59 11.19 -7.80 15.57
CA PHE A 59 11.60 -7.50 16.93
C PHE A 59 10.64 -6.47 17.51
N THR A 60 11.15 -5.40 18.14
CA THR A 60 10.23 -4.42 18.68
C THR A 60 9.50 -3.67 17.58
N PRO A 61 8.15 -3.73 17.59
CA PRO A 61 7.39 -3.04 16.55
C PRO A 61 7.55 -1.53 16.56
N ALA A 62 7.60 -0.94 15.37
CA ALA A 62 7.69 0.50 15.22
C ALA A 62 6.30 1.12 15.17
N SER A 63 6.24 2.41 15.41
CA SER A 63 4.96 3.08 15.51
C SER A 63 4.99 4.49 14.94
N LEU A 64 3.81 5.10 14.86
CA LEU A 64 3.62 6.41 14.24
C LEU A 64 4.63 7.46 14.67
N GLY A 65 5.25 8.14 13.71
CA GLY A 65 6.11 9.29 14.00
C GLY A 65 7.57 8.94 14.26
N GLN A 66 7.86 7.67 14.45
CA GLN A 66 9.23 7.24 14.65
C GLN A 66 10.04 7.39 13.36
N VAL A 67 11.36 7.54 13.51
CA VAL A 67 12.27 7.52 12.37
C VAL A 67 13.08 6.25 12.44
N LEU A 68 13.06 5.50 11.35
CA LEU A 68 13.70 4.20 11.30
C LEU A 68 14.93 4.31 10.43
N GLU A 69 15.98 3.61 10.82
CA GLU A 69 17.20 3.63 10.02
C GLU A 69 17.37 2.26 9.41
N ILE A 70 17.54 2.22 8.10
CA ILE A 70 17.74 0.96 7.42
C ILE A 70 19.23 0.78 7.12
N ARG A 71 19.81 -0.26 7.71
CA ARG A 71 21.22 -0.59 7.53
C ARG A 71 21.41 -1.79 6.59
N THR A 72 22.18 -1.59 5.54
CA THR A 72 22.32 -2.61 4.51
C THR A 72 23.78 -3.10 4.35
N GLN A 73 23.95 -4.41 4.24
CA GLN A 73 25.28 -4.97 3.95
C GLN A 73 25.22 -6.15 2.95
N ILE A 74 26.28 -6.36 2.19
CA ILE A 74 26.35 -7.50 1.30
C ILE A 74 26.82 -8.73 2.08
N LYS A 75 25.96 -9.74 2.16
CA LYS A 75 26.30 -10.98 2.82
C LYS A 75 27.25 -11.73 1.89
N GLU A 76 26.82 -11.84 0.64
CA GLU A 76 27.51 -12.65 -0.34
C GLU A 76 27.22 -12.11 -1.74
N LEU A 77 28.27 -11.96 -2.54
CA LEU A 77 28.10 -11.49 -3.91
C LEU A 77 28.76 -12.46 -4.87
N ARG A 78 27.95 -13.10 -5.72
CA ARG A 78 28.45 -14.03 -6.74
C ARG A 78 28.19 -13.50 -8.14
N LYS A 79 28.63 -14.25 -9.15
CA LYS A 79 28.40 -13.83 -10.53
C LYS A 79 26.91 -13.75 -10.86
N VAL A 80 26.13 -14.69 -10.34
CA VAL A 80 24.72 -14.85 -10.71
C VAL A 80 23.71 -14.36 -9.65
N PHE A 81 24.18 -14.09 -8.43
CA PHE A 81 23.26 -13.63 -7.39
C PHE A 81 23.93 -12.79 -6.31
N VAL A 82 23.10 -12.09 -5.53
CA VAL A 82 23.61 -11.37 -4.38
C VAL A 82 22.69 -11.61 -3.19
N VAL A 83 23.28 -11.75 -2.01
CA VAL A 83 22.50 -11.85 -0.80
C VAL A 83 22.79 -10.64 0.07
N LEU A 84 21.73 -9.95 0.48
CA LEU A 84 21.86 -8.76 1.31
C LEU A 84 21.32 -9.02 2.70
N PHE A 85 21.97 -8.43 3.69
CA PHE A 85 21.42 -8.42 5.03
C PHE A 85 20.95 -7.00 5.34
N GLN A 86 19.71 -6.88 5.79
CA GLN A 86 19.19 -5.58 6.12
C GLN A 86 18.54 -5.59 7.50
N GLU A 87 18.92 -4.61 8.31
CA GLU A 87 18.36 -4.44 9.64
C GLU A 87 17.73 -3.08 9.76
N ILE A 88 16.63 -3.01 10.50
CA ILE A 88 15.98 -1.73 10.73
C ILE A 88 16.00 -1.43 12.21
N TYR A 89 16.48 -0.24 12.55
CA TYR A 89 16.48 0.23 13.91
C TYR A 89 15.65 1.49 14.03
N CYS A 90 14.90 1.61 15.13
CA CYS A 90 14.27 2.88 15.43
C CYS A 90 15.32 3.76 16.05
N ILE A 91 15.53 4.94 15.47
CA ILE A 91 16.56 5.87 15.99
C ILE A 91 16.01 7.16 16.56
N GLN A 92 14.74 7.47 16.31
CA GLN A 92 14.09 8.65 16.87
C GLN A 92 12.63 8.37 17.13
N ASN A 93 12.06 9.04 18.12
CA ASN A 93 10.60 9.01 18.30
C ASN A 93 10.02 10.35 17.82
N ALA A 94 8.69 10.47 17.75
CA ALA A 94 8.12 11.72 17.25
C ALA A 94 8.40 12.90 18.17
N SER A 95 8.58 12.62 19.46
CA SER A 95 8.80 13.68 20.47
C SER A 95 10.26 14.15 20.49
N LEU A 96 11.11 13.48 19.73
CA LEU A 96 12.56 13.75 19.73
C LEU A 96 13.13 13.77 21.14
N GLU A 97 12.73 12.81 21.97
CA GLU A 97 13.37 12.63 23.28
C GLU A 97 14.49 11.61 23.16
N PRO A 98 15.52 11.73 24.01
CA PRO A 98 16.69 10.86 23.87
C PRO A 98 16.33 9.38 24.04
N MET A 99 16.88 8.54 23.18
CA MET A 99 16.59 7.10 23.20
C MET A 99 17.74 6.27 22.62
N LYS A 100 17.97 5.08 23.20
CA LYS A 100 18.95 4.17 22.62
C LYS A 100 18.29 3.51 21.41
N PRO A 101 18.97 3.50 20.25
CA PRO A 101 18.35 2.87 19.08
C PRO A 101 17.97 1.41 19.37
N PHE A 102 16.82 0.98 18.87
CA PHE A 102 16.36 -0.39 19.10
C PHE A 102 15.99 -1.11 17.81
N LYS A 103 16.32 -2.40 17.74
CA LYS A 103 16.07 -3.18 16.54
C LYS A 103 14.59 -3.46 16.38
N VAL A 104 14.12 -3.33 15.14
CA VAL A 104 12.71 -3.50 14.81
C VAL A 104 12.49 -4.72 13.89
N PHE A 105 13.47 -5.00 13.03
CA PHE A 105 13.29 -5.95 11.93
C PHE A 105 14.66 -6.29 11.38
N ALA A 106 14.84 -7.53 10.97
CA ALA A 106 16.01 -7.90 10.20
C ALA A 106 15.59 -8.79 9.05
N SER A 107 16.31 -8.73 7.94
CA SER A 107 16.04 -9.66 6.85
C SER A 107 17.32 -10.09 6.16
N GLU A 108 17.26 -11.25 5.52
CA GLU A 108 18.29 -11.68 4.62
C GLU A 108 17.54 -11.98 3.36
N ILE A 109 17.96 -11.36 2.26
CA ILE A 109 17.24 -11.46 1.01
C ILE A 109 18.19 -11.80 -0.12
N LYS A 110 17.80 -12.79 -0.92
CA LYS A 110 18.59 -13.23 -2.06
C LYS A 110 17.94 -12.77 -3.35
N PHE A 111 18.74 -12.21 -4.25
CA PHE A 111 18.29 -11.70 -5.53
C PHE A 111 19.06 -12.42 -6.64
N GLY A 112 18.39 -12.70 -7.74
CA GLY A 112 19.07 -13.11 -8.96
C GLY A 112 18.96 -11.99 -9.97
N PHE A 113 19.66 -12.10 -11.09
CA PHE A 113 19.47 -11.15 -12.19
C PHE A 113 18.98 -11.95 -13.39
N VAL A 114 17.99 -11.42 -14.09
CA VAL A 114 17.35 -12.19 -15.16
C VAL A 114 17.03 -11.32 -16.37
N ASN A 115 16.94 -11.95 -17.54
CA ASN A 115 16.39 -11.26 -18.70
C ASN A 115 14.90 -11.02 -18.49
N ARG A 116 14.38 -9.91 -19.00
CA ARG A 116 12.97 -9.56 -18.78
C ARG A 116 12.00 -10.56 -19.42
N SER A 117 12.13 -10.78 -20.73
CA SER A 117 11.27 -11.72 -21.43
C SER A 117 11.45 -13.13 -20.87
N THR A 118 12.61 -13.70 -21.12
CA THR A 118 12.89 -15.09 -20.76
C THR A 118 12.82 -15.38 -19.26
N TYR A 119 13.16 -14.38 -18.45
CA TYR A 119 13.25 -14.56 -17.00
C TYR A 119 14.35 -15.57 -16.66
N SER A 120 15.26 -15.76 -17.62
CA SER A 120 16.36 -16.70 -17.45
C SER A 120 17.50 -16.06 -16.68
N PRO A 121 18.18 -16.84 -15.82
CA PRO A 121 19.29 -16.35 -15.01
C PRO A 121 20.47 -15.90 -15.87
N ILE A 122 20.85 -14.63 -15.71
CA ILE A 122 22.06 -14.10 -16.33
C ILE A 122 22.96 -13.50 -15.25
N ALA A 123 24.20 -13.15 -15.64
CA ALA A 123 25.14 -12.58 -14.69
C ALA A 123 24.69 -11.19 -14.27
N ILE A 124 24.99 -10.82 -13.03
CA ILE A 124 24.77 -9.45 -12.59
C ILE A 124 25.65 -8.55 -13.47
N PRO A 125 25.10 -7.44 -13.99
CA PRO A 125 25.92 -6.56 -14.82
C PRO A 125 27.17 -6.12 -14.06
N LYS A 126 28.30 -6.02 -14.77
CA LYS A 126 29.56 -5.61 -14.15
C LYS A 126 29.47 -4.29 -13.39
N LEU A 127 28.75 -3.32 -13.96
CA LEU A 127 28.57 -2.02 -13.31
C LEU A 127 27.77 -2.12 -12.00
N PHE A 128 26.80 -3.04 -11.96
CA PHE A 128 25.99 -3.21 -10.77
C PHE A 128 26.76 -4.00 -9.72
N LYS A 129 27.61 -4.93 -10.19
CA LYS A 129 28.49 -5.70 -9.33
C LYS A 129 29.40 -4.75 -8.57
N GLU A 130 30.01 -3.82 -9.30
CA GLU A 130 30.88 -2.82 -8.70
C GLU A 130 30.14 -1.95 -7.68
N LEU A 131 28.92 -1.56 -8.01
CA LEU A 131 28.11 -0.72 -7.13
C LEU A 131 27.76 -1.47 -5.85
N LEU A 132 27.41 -2.74 -6.00
CA LEU A 132 27.09 -3.59 -4.86
C LEU A 132 28.30 -3.74 -3.95
N ASN A 133 29.46 -3.98 -4.55
CA ASN A 133 30.70 -4.13 -3.79
C ASN A 133 30.97 -2.91 -2.91
N ALA A 134 30.50 -1.76 -3.36
CA ALA A 134 30.75 -0.49 -2.68
C ALA A 134 29.67 -0.18 -1.63
N HIS B 2 -22.85 -5.39 -7.66
CA HIS B 2 -21.93 -4.59 -6.75
C HIS B 2 -20.80 -5.42 -6.19
N MET B 3 -19.58 -4.90 -6.31
CA MET B 3 -18.45 -5.57 -5.68
C MET B 3 -18.49 -5.44 -4.17
N ARG B 4 -18.10 -6.51 -3.48
CA ARG B 4 -17.92 -6.47 -2.04
C ARG B 4 -16.46 -6.70 -1.69
N CYS B 5 -15.97 -5.90 -0.75
CA CYS B 5 -14.58 -5.96 -0.26
C CYS B 5 -14.58 -6.05 1.25
N ARG B 6 -13.69 -6.89 1.78
CA ARG B 6 -13.46 -6.99 3.21
C ARG B 6 -12.39 -6.00 3.65
N VAL B 7 -12.55 -5.44 4.85
CA VAL B 7 -11.53 -4.59 5.47
C VAL B 7 -10.52 -5.47 6.21
N TYR B 8 -9.28 -5.49 5.70
CA TYR B 8 -8.18 -6.24 6.32
C TYR B 8 -7.21 -5.30 7.05
N TYR B 9 -6.28 -5.88 7.81
CA TYR B 9 -5.36 -5.04 8.58
C TYR B 9 -4.59 -4.10 7.67
N GLU B 10 -4.27 -4.57 6.47
CA GLU B 10 -3.51 -3.77 5.50
C GLU B 10 -4.26 -2.48 5.17
N ASP B 11 -5.58 -2.50 5.38
CA ASP B 11 -6.45 -1.37 5.00
C ASP B 11 -6.63 -0.36 6.10
N THR B 12 -6.32 -0.77 7.33
CA THR B 12 -6.58 0.07 8.51
C THR B 12 -5.37 0.93 8.85
N ASP B 13 -5.61 1.99 9.62
CA ASP B 13 -4.54 2.77 10.21
C ASP B 13 -4.59 2.73 11.74
N SER B 14 -3.70 3.51 12.37
CA SER B 14 -3.52 3.50 13.80
C SER B 14 -4.76 3.96 14.57
N GLU B 15 -5.65 4.67 13.88
CA GLU B 15 -6.90 5.08 14.51
C GLU B 15 -7.98 4.00 14.42
N GLY B 16 -7.67 2.88 13.76
CA GLY B 16 -8.56 1.73 13.68
C GLY B 16 -9.61 1.83 12.58
N VAL B 17 -9.41 2.77 11.66
CA VAL B 17 -10.35 2.90 10.56
C VAL B 17 -9.59 2.75 9.26
N VAL B 18 -10.33 2.64 8.16
CA VAL B 18 -9.67 2.51 6.87
C VAL B 18 -8.89 3.78 6.55
N TYR B 19 -7.60 3.60 6.24
CA TYR B 19 -6.79 4.73 5.78
C TYR B 19 -7.45 5.36 4.54
N HIS B 20 -7.57 6.69 4.52
CA HIS B 20 -8.42 7.38 3.55
C HIS B 20 -8.20 7.04 2.08
N ALA B 21 -6.93 6.89 1.68
CA ALA B 21 -6.62 6.65 0.27
C ALA B 21 -7.10 5.27 -0.19
N ASN B 22 -7.32 4.37 0.76
CA ASN B 22 -7.69 2.99 0.39
C ASN B 22 -9.06 2.92 -0.26
N TYR B 23 -9.91 3.90 0.00
CA TYR B 23 -11.24 3.89 -0.58
C TYR B 23 -11.15 4.03 -2.09
N LEU B 24 -10.15 4.80 -2.56
CA LEU B 24 -9.89 4.90 -4.00
C LEU B 24 -9.48 3.54 -4.60
N LYS B 25 -8.72 2.75 -3.84
CA LYS B 25 -8.33 1.41 -4.31
C LYS B 25 -9.55 0.51 -4.47
N TYR B 26 -10.41 0.52 -3.47
CA TYR B 26 -11.67 -0.23 -3.58
C TYR B 26 -12.46 0.18 -4.83
N CYS B 27 -12.59 1.47 -5.06
CA CYS B 27 -13.35 1.91 -6.25
C CYS B 27 -12.66 1.43 -7.53
N GLU B 28 -11.33 1.41 -7.53
CA GLU B 28 -10.59 0.99 -8.71
C GLU B 28 -10.84 -0.47 -9.00
N ARG B 29 -10.78 -1.31 -7.96
CA ARG B 29 -11.06 -2.74 -8.13
C ARG B 29 -12.41 -2.93 -8.79
N ALA B 30 -13.41 -2.21 -8.31
CA ALA B 30 -14.78 -2.34 -8.86
C ALA B 30 -14.81 -2.00 -10.35
N ARG B 31 -14.14 -0.92 -10.73
CA ARG B 31 -14.01 -0.56 -12.15
C ARG B 31 -13.31 -1.63 -13.00
N SER B 32 -12.14 -2.09 -12.55
CA SER B 32 -11.38 -3.04 -13.35
C SER B 32 -12.11 -4.38 -13.44
N GLU B 33 -12.79 -4.76 -12.36
CA GLU B 33 -13.49 -6.04 -12.36
C GLU B 33 -14.57 -6.10 -13.48
N PHE B 34 -15.23 -4.96 -13.73
CA PHE B 34 -16.20 -4.90 -14.85
C PHE B 34 -15.53 -5.32 -16.15
N PHE B 35 -14.30 -4.85 -16.36
CA PHE B 35 -13.56 -5.21 -17.57
C PHE B 35 -13.10 -6.66 -17.50
N PHE B 36 -12.51 -7.07 -16.38
CA PHE B 36 -12.03 -8.44 -16.23
C PHE B 36 -13.15 -9.46 -16.43
N LYS B 37 -14.36 -9.11 -16.01
CA LYS B 37 -15.50 -10.03 -16.19
C LYS B 37 -15.86 -10.25 -17.66
N GLN B 38 -15.70 -9.22 -18.48
CA GLN B 38 -15.86 -9.37 -19.93
C GLN B 38 -14.59 -9.89 -20.58
N ASN B 39 -13.72 -10.47 -19.75
CA ASN B 39 -12.47 -11.09 -20.22
C ASN B 39 -11.48 -10.11 -20.86
N VAL B 40 -11.60 -8.83 -20.55
CA VAL B 40 -10.66 -7.88 -21.10
C VAL B 40 -9.97 -7.11 -19.98
N LEU B 41 -8.79 -6.58 -20.27
CA LEU B 41 -8.17 -5.64 -19.37
C LEU B 41 -8.70 -4.29 -19.81
N PRO B 42 -8.76 -3.33 -18.88
CA PRO B 42 -9.18 -1.96 -19.22
C PRO B 42 -8.12 -1.17 -19.99
N GLU B 43 -7.50 -1.80 -20.98
CA GLU B 43 -6.50 -1.15 -21.81
C GLU B 43 -6.35 -2.00 -23.07
N ASN B 44 -5.83 -1.40 -24.13
CA ASN B 44 -5.56 -2.16 -25.35
C ASN B 44 -4.21 -1.81 -25.99
N GLU B 45 -4.00 -2.27 -27.22
CA GLU B 45 -2.69 -2.23 -27.87
C GLU B 45 -1.99 -0.86 -27.92
N GLU B 46 -2.76 0.22 -27.98
CA GLU B 46 -2.14 1.55 -27.86
C GLU B 46 -3.00 2.57 -27.11
N GLY B 47 -3.73 2.11 -26.11
CA GLY B 47 -4.55 3.01 -25.31
C GLY B 47 -4.74 2.54 -23.88
N VAL B 48 -4.76 3.51 -22.97
CA VAL B 48 -5.03 3.25 -21.58
C VAL B 48 -6.01 4.31 -21.04
N PHE B 49 -6.74 3.95 -19.99
CA PHE B 49 -7.57 4.92 -19.30
C PHE B 49 -6.71 5.71 -18.33
N VAL B 50 -6.91 7.03 -18.29
CA VAL B 50 -6.20 7.85 -17.30
C VAL B 50 -7.16 8.67 -16.45
N ILE B 51 -6.96 8.62 -15.14
CA ILE B 51 -7.75 9.41 -14.22
C ILE B 51 -7.35 10.89 -14.33
N ARG B 52 -8.34 11.75 -14.50
CA ARG B 52 -8.14 13.19 -14.60
C ARG B 52 -8.49 13.93 -13.31
N SER B 53 -9.56 13.51 -12.66
CA SER B 53 -10.04 14.26 -11.50
C SER B 53 -10.92 13.41 -10.62
N ILE B 54 -10.90 13.75 -9.33
CA ILE B 54 -11.69 13.09 -8.31
C ILE B 54 -12.35 14.14 -7.42
N LYS B 55 -13.65 13.99 -7.21
CA LYS B 55 -14.31 14.69 -6.11
C LYS B 55 -14.88 13.62 -5.19
N ALA B 56 -14.54 13.70 -3.90
CA ALA B 56 -14.91 12.65 -2.95
C ALA B 56 -15.34 13.23 -1.60
N ASP B 57 -16.29 12.55 -0.96
CA ASP B 57 -16.71 12.90 0.39
C ASP B 57 -16.61 11.67 1.27
N PHE B 58 -16.27 11.90 2.53
CA PHE B 58 -16.05 10.83 3.49
C PHE B 58 -17.12 10.95 4.56
N PHE B 59 -17.77 9.83 4.85
CA PHE B 59 -18.83 9.81 5.84
C PHE B 59 -18.37 8.93 7.01
N THR B 60 -19.23 8.02 7.48
CA THR B 60 -18.86 7.21 8.61
C THR B 60 -17.74 6.24 8.25
N PRO B 61 -16.66 6.22 9.04
CA PRO B 61 -15.52 5.33 8.70
C PRO B 61 -15.84 3.84 8.89
N ALA B 62 -15.22 3.01 8.04
CA ALA B 62 -15.25 1.54 8.17
C ALA B 62 -14.05 1.07 8.97
N SER B 63 -14.15 -0.14 9.53
CA SER B 63 -13.10 -0.73 10.37
C SER B 63 -12.90 -2.20 10.07
N LEU B 64 -11.96 -2.79 10.80
CA LEU B 64 -11.47 -4.13 10.58
C LEU B 64 -12.60 -5.16 10.45
N GLY B 65 -12.55 -5.96 9.39
CA GLY B 65 -13.44 -7.11 9.29
C GLY B 65 -14.78 -6.76 8.65
N GLN B 66 -15.05 -5.48 8.48
CA GLN B 66 -16.33 -5.09 7.91
C GLN B 66 -16.36 -5.40 6.43
N VAL B 67 -17.57 -5.59 5.88
CA VAL B 67 -17.72 -5.83 4.43
C VAL B 67 -18.28 -4.56 3.82
N LEU B 68 -17.60 -4.09 2.77
CA LEU B 68 -17.97 -2.86 2.10
C LEU B 68 -18.55 -3.19 0.75
N GLU B 69 -19.58 -2.45 0.34
CA GLU B 69 -20.16 -2.70 -0.97
C GLU B 69 -19.89 -1.47 -1.81
N ILE B 70 -19.34 -1.66 -3.00
CA ILE B 70 -19.01 -0.55 -3.90
C ILE B 70 -20.02 -0.56 -5.03
N ARG B 71 -20.76 0.53 -5.12
CA ARG B 71 -21.79 0.66 -6.13
C ARG B 71 -21.30 1.65 -7.17
N THR B 72 -21.42 1.28 -8.44
CA THR B 72 -20.86 2.09 -9.51
C THR B 72 -21.94 2.43 -10.56
N GLN B 73 -22.03 3.69 -10.95
CA GLN B 73 -22.89 4.06 -12.06
C GLN B 73 -22.20 5.03 -13.01
N ILE B 74 -22.65 5.08 -14.26
CA ILE B 74 -22.11 6.06 -15.20
C ILE B 74 -22.85 7.38 -14.98
N LYS B 75 -22.12 8.45 -14.71
CA LYS B 75 -22.75 9.75 -14.60
C LYS B 75 -22.78 10.40 -15.99
N GLU B 76 -21.71 10.20 -16.76
CA GLU B 76 -21.64 10.77 -18.10
C GLU B 76 -20.71 9.97 -19.00
N LEU B 77 -21.16 9.69 -20.23
CA LEU B 77 -20.30 9.02 -21.19
C LEU B 77 -20.21 9.80 -22.50
N ARG B 78 -18.98 10.22 -22.83
CA ARG B 78 -18.69 10.85 -24.12
C ARG B 78 -17.79 9.93 -24.96
N LYS B 79 -17.56 10.31 -26.22
CA LYS B 79 -16.60 9.61 -27.06
C LYS B 79 -15.20 9.72 -26.47
N VAL B 80 -14.93 10.85 -25.83
CA VAL B 80 -13.61 11.17 -25.26
C VAL B 80 -13.39 10.78 -23.78
N PHE B 81 -14.44 10.82 -22.96
CA PHE B 81 -14.25 10.60 -21.52
C PHE B 81 -15.49 10.12 -20.81
N VAL B 82 -15.27 9.50 -19.65
CA VAL B 82 -16.37 9.00 -18.84
C VAL B 82 -16.27 9.54 -17.41
N VAL B 83 -17.42 9.84 -16.80
CA VAL B 83 -17.45 10.20 -15.39
C VAL B 83 -18.27 9.14 -14.69
N LEU B 84 -17.69 8.56 -13.65
CA LEU B 84 -18.35 7.53 -12.87
C LEU B 84 -18.67 8.05 -11.49
N PHE B 85 -19.82 7.65 -10.97
CA PHE B 85 -20.16 7.90 -9.60
C PHE B 85 -20.03 6.59 -8.85
N GLN B 86 -19.24 6.59 -7.78
CA GLN B 86 -19.03 5.40 -6.97
C GLN B 86 -19.28 5.69 -5.50
N GLU B 87 -20.11 4.86 -4.87
CA GLU B 87 -20.46 5.01 -3.47
C GLU B 87 -20.09 3.74 -2.74
N ILE B 88 -19.56 3.87 -1.53
CA ILE B 88 -19.23 2.69 -0.72
C ILE B 88 -20.10 2.69 0.52
N TYR B 89 -20.75 1.55 0.76
CA TYR B 89 -21.58 1.37 1.95
C TYR B 89 -20.98 0.24 2.78
N CYS B 90 -20.96 0.41 4.10
CA CYS B 90 -20.64 -0.72 4.97
C CYS B 90 -21.92 -1.52 5.21
N ILE B 91 -21.87 -2.82 4.93
CA ILE B 91 -23.09 -3.65 4.96
C ILE B 91 -23.11 -4.69 6.09
N GLN B 92 -21.94 -5.15 6.52
CA GLN B 92 -21.89 -6.09 7.65
C GLN B 92 -20.63 -5.98 8.49
N ASN B 93 -20.75 -6.42 9.74
CA ASN B 93 -19.61 -6.69 10.61
C ASN B 93 -19.12 -8.13 10.39
N ALA B 94 -17.83 -8.38 10.63
CA ALA B 94 -17.32 -9.74 10.55
C ALA B 94 -18.15 -10.64 11.49
N SER B 95 -18.50 -10.07 12.65
CA SER B 95 -19.22 -10.80 13.70
C SER B 95 -20.68 -11.06 13.36
N LEU B 96 -21.18 -10.36 12.35
CA LEU B 96 -22.60 -10.37 11.95
C LEU B 96 -23.52 -9.82 13.04
N GLU B 97 -22.94 -9.12 14.01
CA GLU B 97 -23.76 -8.33 14.91
C GLU B 97 -24.58 -7.37 14.06
N PRO B 98 -25.90 -7.33 14.29
CA PRO B 98 -26.80 -6.59 13.42
C PRO B 98 -26.40 -5.12 13.26
N MET B 99 -26.52 -4.64 12.03
CA MET B 99 -26.25 -3.25 11.74
C MET B 99 -27.03 -2.81 10.53
N LYS B 100 -27.45 -1.55 10.54
CA LYS B 100 -28.10 -0.93 9.41
C LYS B 100 -26.96 -0.49 8.46
N PRO B 101 -27.00 -0.90 7.18
CA PRO B 101 -25.92 -0.46 6.29
C PRO B 101 -25.75 1.06 6.29
N PHE B 102 -24.52 1.55 6.20
CA PHE B 102 -24.26 2.98 6.26
C PHE B 102 -23.27 3.43 5.22
N LYS B 103 -23.42 4.67 4.77
CA LYS B 103 -22.57 5.20 3.73
C LYS B 103 -21.21 5.55 4.29
N VAL B 104 -20.15 5.19 3.57
CA VAL B 104 -18.78 5.38 4.05
C VAL B 104 -18.03 6.39 3.20
N PHE B 105 -18.33 6.38 1.91
CA PHE B 105 -17.52 7.13 0.95
C PHE B 105 -18.30 7.31 -0.33
N ALA B 106 -18.13 8.46 -0.97
CA ALA B 106 -18.75 8.70 -2.27
C ALA B 106 -17.81 9.55 -3.11
N SER B 107 -17.68 9.19 -4.38
CA SER B 107 -16.76 9.88 -5.28
C SER B 107 -17.34 10.03 -6.67
N GLU B 108 -16.92 11.09 -7.33
CA GLU B 108 -17.19 11.26 -8.75
C GLU B 108 -15.84 11.34 -9.42
N ILE B 109 -15.60 10.46 -10.38
CA ILE B 109 -14.28 10.35 -10.96
C ILE B 109 -14.30 10.46 -12.49
N LYS B 110 -13.48 11.34 -13.03
CA LYS B 110 -13.45 11.51 -14.48
C LYS B 110 -12.24 10.81 -15.05
N PHE B 111 -12.44 10.06 -16.13
CA PHE B 111 -11.37 9.38 -16.85
C PHE B 111 -11.34 9.76 -18.33
N GLY B 112 -10.14 10.05 -18.83
CA GLY B 112 -9.89 10.09 -20.28
C GLY B 112 -9.21 8.82 -20.77
N PHE B 113 -9.29 8.55 -22.07
CA PHE B 113 -8.57 7.42 -22.67
C PHE B 113 -7.42 7.99 -23.50
N VAL B 114 -6.21 7.48 -23.32
CA VAL B 114 -5.05 8.14 -23.94
C VAL B 114 -4.04 7.19 -24.57
N ASN B 115 -3.24 7.74 -25.48
CA ASN B 115 -2.11 7.03 -26.05
C ASN B 115 -1.03 6.94 -24.97
N ARG B 116 -0.36 5.79 -24.86
CA ARG B 116 0.75 5.65 -23.88
C ARG B 116 1.94 6.53 -24.27
N SER B 117 2.41 6.35 -25.51
CA SER B 117 3.53 7.14 -26.05
C SER B 117 3.34 8.63 -25.77
N THR B 118 2.18 9.16 -26.13
CA THR B 118 1.95 10.61 -26.18
C THR B 118 1.09 11.22 -25.05
N TYR B 119 0.25 10.40 -24.42
CA TYR B 119 -0.77 10.88 -23.47
C TYR B 119 -1.77 11.84 -24.12
N SER B 120 -1.80 11.83 -25.44
CA SER B 120 -2.80 12.60 -26.17
C SER B 120 -4.10 11.81 -26.11
N PRO B 121 -5.23 12.51 -25.92
CA PRO B 121 -6.52 11.85 -25.75
C PRO B 121 -6.98 11.21 -27.06
N ILE B 122 -7.66 10.08 -26.96
CA ILE B 122 -8.22 9.44 -28.12
C ILE B 122 -9.61 8.95 -27.73
N ALA B 123 -10.41 8.58 -28.74
CA ALA B 123 -11.75 8.09 -28.50
C ALA B 123 -11.70 6.84 -27.62
N ILE B 124 -12.62 6.74 -26.66
CA ILE B 124 -12.81 5.49 -25.96
C ILE B 124 -13.08 4.42 -27.02
N PRO B 125 -12.40 3.26 -26.91
CA PRO B 125 -12.64 2.15 -27.83
C PRO B 125 -14.10 1.67 -27.79
N LYS B 126 -14.59 1.30 -28.97
CA LYS B 126 -15.95 0.80 -29.16
C LYS B 126 -16.33 -0.34 -28.21
N LEU B 127 -15.45 -1.32 -28.09
CA LEU B 127 -15.66 -2.42 -27.14
C LEU B 127 -15.81 -1.86 -25.71
N PHE B 128 -14.93 -0.94 -25.34
CA PHE B 128 -14.96 -0.34 -24.00
C PHE B 128 -16.15 0.61 -23.83
N LYS B 129 -16.54 1.28 -24.91
CA LYS B 129 -17.64 2.25 -24.86
C LYS B 129 -18.97 1.54 -24.57
N GLU B 130 -19.09 0.33 -25.10
CA GLU B 130 -20.31 -0.45 -24.92
C GLU B 130 -20.30 -1.21 -23.61
N LEU B 131 -19.10 -1.60 -23.16
CA LEU B 131 -18.92 -2.12 -21.81
C LEU B 131 -19.37 -1.07 -20.80
N LEU B 132 -18.86 0.14 -20.96
CA LEU B 132 -19.15 1.22 -20.03
C LEU B 132 -20.62 1.56 -19.95
N ASN B 133 -21.27 1.57 -21.11
CA ASN B 133 -22.70 1.84 -21.21
C ASN B 133 -23.56 0.76 -20.53
N ALA B 134 -23.02 -0.45 -20.46
CA ALA B 134 -23.75 -1.58 -19.89
C ALA B 134 -23.60 -1.68 -18.36
N HIS C 2 8.12 23.09 2.15
CA HIS C 2 7.95 22.02 1.13
C HIS C 2 8.61 20.72 1.59
N MET C 3 8.05 19.59 1.20
CA MET C 3 8.63 18.29 1.48
C MET C 3 8.96 17.58 0.18
N ARG C 4 10.03 16.79 0.15
CA ARG C 4 10.40 16.03 -1.04
C ARG C 4 10.33 14.53 -0.78
N CYS C 5 9.94 13.77 -1.80
CA CYS C 5 9.76 12.31 -1.74
CA CYS C 5 9.97 12.32 -1.69
C CYS C 5 10.33 11.69 -3.03
N ARG C 6 10.88 10.48 -2.94
CA ARG C 6 11.34 9.76 -4.11
C ARG C 6 10.29 8.75 -4.53
N VAL C 7 10.10 8.58 -5.85
CA VAL C 7 9.25 7.51 -6.38
C VAL C 7 9.98 6.16 -6.38
N TYR C 8 9.45 5.22 -5.60
CA TYR C 8 10.03 3.88 -5.52
C TYR C 8 9.16 2.84 -6.25
N TYR C 9 9.68 1.62 -6.39
CA TYR C 9 8.92 0.58 -7.08
C TYR C 9 7.55 0.39 -6.47
N GLU C 10 7.47 0.45 -5.14
CA GLU C 10 6.19 0.27 -4.45
C GLU C 10 5.12 1.29 -4.93
N ASP C 11 5.58 2.44 -5.39
CA ASP C 11 4.68 3.52 -5.79
C ASP C 11 4.19 3.40 -7.22
N THR C 12 4.85 2.57 -8.03
CA THR C 12 4.54 2.51 -9.46
C THR C 12 3.49 1.45 -9.75
N ASP C 13 2.88 1.53 -10.94
CA ASP C 13 1.98 0.47 -11.43
C ASP C 13 2.50 -0.10 -12.74
N SER C 14 1.73 -1.00 -13.35
CA SER C 14 2.17 -1.69 -14.55
C SER C 14 2.37 -0.76 -15.74
N GLU C 15 1.83 0.46 -15.67
CA GLU C 15 2.01 1.41 -16.76
C GLU C 15 3.29 2.22 -16.63
N GLY C 16 4.03 2.00 -15.53
CA GLY C 16 5.30 2.66 -15.28
C GLY C 16 5.18 4.05 -14.66
N VAL C 17 4.00 4.37 -14.14
CA VAL C 17 3.75 5.65 -13.52
C VAL C 17 3.29 5.43 -12.08
N VAL C 18 3.26 6.49 -11.30
CA VAL C 18 2.78 6.39 -9.94
C VAL C 18 1.29 5.98 -9.90
N TYR C 19 0.98 4.96 -9.10
CA TYR C 19 -0.42 4.54 -8.96
C TYR C 19 -1.21 5.69 -8.35
N HIS C 20 -2.34 6.04 -8.96
CA HIS C 20 -3.02 7.28 -8.62
C HIS C 20 -3.26 7.58 -7.12
N ALA C 21 -3.63 6.56 -6.33
CA ALA C 21 -3.95 6.83 -4.92
C ALA C 21 -2.70 7.21 -4.11
N ASN C 22 -1.51 6.89 -4.64
CA ASN C 22 -0.27 7.12 -3.89
C ASN C 22 0.00 8.62 -3.75
N TYR C 23 -0.51 9.42 -4.68
CA TYR C 23 -0.32 10.87 -4.57
C TYR C 23 -0.97 11.40 -3.29
N LEU C 24 -2.05 10.78 -2.88
CA LEU C 24 -2.70 11.18 -1.63
CA LEU C 24 -2.70 11.18 -1.62
C LEU C 24 -1.81 10.84 -0.44
N LYS C 25 -1.11 9.71 -0.53
CA LYS C 25 -0.17 9.34 0.54
C LYS C 25 0.93 10.40 0.65
N TYR C 26 1.49 10.77 -0.50
CA TYR C 26 2.50 11.85 -0.51
C TYR C 26 2.00 13.12 0.19
N CYS C 27 0.78 13.53 -0.11
CA CYS C 27 0.21 14.76 0.50
C CYS C 27 0.00 14.60 2.00
N GLU C 28 -0.40 13.40 2.41
CA GLU C 28 -0.53 13.09 3.83
C GLU C 28 0.82 13.24 4.54
N ARG C 29 1.88 12.71 3.94
CA ARG C 29 3.20 12.77 4.55
C ARG C 29 3.54 14.23 4.79
N ALA C 30 3.25 15.07 3.80
CA ALA C 30 3.62 16.49 3.89
C ALA C 30 2.89 17.16 5.05
N ARG C 31 1.63 16.77 5.26
CA ARG C 31 0.83 17.33 6.37
C ARG C 31 1.35 16.88 7.71
N SER C 32 1.62 15.58 7.83
CA SER C 32 2.13 15.03 9.08
C SER C 32 3.52 15.59 9.46
N GLU C 33 4.37 15.79 8.47
CA GLU C 33 5.75 16.24 8.69
C GLU C 33 5.71 17.65 9.32
N PHE C 34 4.70 18.43 8.97
CA PHE C 34 4.49 19.74 9.59
C PHE C 34 4.41 19.66 11.13
N PHE C 35 3.72 18.65 11.63
CA PHE C 35 3.62 18.38 13.05
C PHE C 35 4.87 17.68 13.56
N PHE C 36 5.34 16.68 12.81
CA PHE C 36 6.51 15.91 13.23
C PHE C 36 7.71 16.83 13.43
N LYS C 37 7.90 17.74 12.48
CA LYS C 37 8.96 18.76 12.57
C LYS C 37 9.02 19.41 13.95
N GLN C 38 7.85 19.73 14.49
CA GLN C 38 7.72 20.44 15.75
C GLN C 38 7.53 19.47 16.90
N ASN C 39 8.04 18.26 16.68
CA ASN C 39 8.10 17.24 17.71
C ASN C 39 6.76 16.87 18.35
N VAL C 40 5.70 16.92 17.54
CA VAL C 40 4.40 16.44 17.97
C VAL C 40 3.73 15.58 16.89
N LEU C 41 2.74 14.79 17.32
CA LEU C 41 1.88 14.04 16.40
C LEU C 41 0.72 14.93 15.97
N PRO C 42 0.12 14.66 14.79
CA PRO C 42 -1.04 15.46 14.39
C PRO C 42 -2.32 15.02 15.10
N GLU C 43 -2.20 14.64 16.37
CA GLU C 43 -3.34 14.20 17.17
C GLU C 43 -2.96 14.41 18.62
N ASN C 44 -3.94 14.46 19.51
CA ASN C 44 -3.66 14.58 20.93
C ASN C 44 -4.62 13.77 21.79
N GLU C 45 -4.58 14.01 23.11
CA GLU C 45 -5.32 13.19 24.06
C GLU C 45 -6.81 13.08 23.74
N GLU C 46 -7.43 14.14 23.25
CA GLU C 46 -8.88 14.06 23.09
C GLU C 46 -9.37 14.07 21.64
N GLY C 47 -8.50 14.34 20.68
CA GLY C 47 -8.99 14.45 19.32
C GLY C 47 -8.05 14.12 18.17
N VAL C 48 -8.66 13.94 17.01
CA VAL C 48 -7.95 13.61 15.79
C VAL C 48 -8.52 14.44 14.65
N PHE C 49 -7.71 14.70 13.63
CA PHE C 49 -8.21 15.30 12.40
C PHE C 49 -8.92 14.26 11.57
N VAL C 50 -10.02 14.66 10.95
CA VAL C 50 -10.75 13.75 10.10
C VAL C 50 -11.00 14.40 8.76
N ILE C 51 -10.65 13.68 7.70
CA ILE C 51 -10.89 14.17 6.36
C ILE C 51 -12.39 14.17 6.03
N ARG C 52 -12.88 15.31 5.53
CA ARG C 52 -14.28 15.49 5.15
C ARG C 52 -14.45 15.34 3.65
N SER C 53 -13.56 15.95 2.88
CA SER C 53 -13.74 15.98 1.43
C SER C 53 -12.42 16.21 0.72
N ILE C 54 -12.34 15.71 -0.51
CA ILE C 54 -11.16 15.85 -1.36
C ILE C 54 -11.54 16.19 -2.79
N LYS C 55 -10.95 17.26 -3.32
CA LYS C 55 -11.00 17.53 -4.74
C LYS C 55 -9.58 17.35 -5.26
N ALA C 56 -9.38 16.45 -6.20
CA ALA C 56 -8.01 16.18 -6.65
C ALA C 56 -7.96 16.19 -8.17
N ASP C 57 -6.84 16.66 -8.70
CA ASP C 57 -6.59 16.66 -10.14
C ASP C 57 -5.25 16.01 -10.46
N PHE C 58 -5.22 15.28 -11.57
CA PHE C 58 -4.05 14.57 -12.01
C PHE C 58 -3.54 15.17 -13.31
N PHE C 59 -2.26 15.51 -13.29
CA PHE C 59 -1.60 16.15 -14.42
C PHE C 59 -0.57 15.19 -15.01
N THR C 60 0.64 15.65 -15.32
CA THR C 60 1.62 14.75 -15.94
C THR C 60 2.09 13.73 -14.90
N PRO C 61 2.06 12.43 -15.24
CA PRO C 61 2.40 11.40 -14.26
C PRO C 61 3.90 11.38 -13.88
N ALA C 62 4.19 11.06 -12.62
CA ALA C 62 5.56 10.78 -12.22
C ALA C 62 5.96 9.30 -12.42
N SER C 63 7.25 9.05 -12.49
CA SER C 63 7.75 7.71 -12.74
C SER C 63 8.91 7.34 -11.81
N LEU C 64 9.33 6.08 -11.91
CA LEU C 64 10.40 5.53 -11.05
C LEU C 64 11.63 6.40 -10.93
N GLY C 65 12.04 6.65 -9.68
CA GLY C 65 13.31 7.27 -9.37
C GLY C 65 13.17 8.79 -9.33
N GLN C 66 12.04 9.30 -9.77
CA GLN C 66 11.88 10.77 -9.76
C GLN C 66 11.69 11.32 -8.36
N VAL C 67 12.11 12.57 -8.19
CA VAL C 67 11.92 13.26 -6.91
C VAL C 67 10.76 14.24 -7.08
N LEU C 68 9.81 14.17 -6.15
CA LEU C 68 8.62 15.03 -6.17
C LEU C 68 8.64 15.95 -4.97
N GLU C 69 8.12 17.16 -5.16
CA GLU C 69 8.08 18.15 -4.12
C GLU C 69 6.63 18.49 -3.83
N ILE C 70 6.23 18.36 -2.57
CA ILE C 70 4.87 18.65 -2.19
C ILE C 70 4.82 20.01 -1.53
N ARG C 71 3.98 20.89 -2.11
CA ARG C 71 3.83 22.27 -1.69
C ARG C 71 2.47 22.42 -1.02
N THR C 72 2.45 22.91 0.22
CA THR C 72 1.23 22.90 1.03
C THR C 72 0.87 24.30 1.48
N GLN C 73 -0.38 24.72 1.27
CA GLN C 73 -0.83 26.00 1.83
C GLN C 73 -2.19 25.92 2.52
N ILE C 74 -2.38 26.78 3.52
CA ILE C 74 -3.66 26.90 4.20
C ILE C 74 -4.55 27.77 3.33
N LYS C 75 -5.56 27.15 2.73
CA LYS C 75 -6.53 27.88 1.93
C LYS C 75 -7.54 28.59 2.83
N GLU C 76 -7.86 27.94 3.96
CA GLU C 76 -8.89 28.41 4.87
C GLU C 76 -8.73 27.78 6.25
N LEU C 77 -8.80 28.61 7.29
CA LEU C 77 -8.64 28.15 8.66
C LEU C 77 -9.76 28.69 9.55
N ARG C 78 -10.66 27.82 9.98
CA ARG C 78 -11.74 28.22 10.85
C ARG C 78 -11.60 27.57 12.23
N LYS C 79 -12.56 27.83 13.11
CA LYS C 79 -12.48 27.30 14.45
C LYS C 79 -12.57 25.77 14.42
N VAL C 80 -13.41 25.26 13.54
CA VAL C 80 -13.76 23.84 13.54
C VAL C 80 -13.16 23.04 12.36
N PHE C 81 -12.72 23.74 11.31
CA PHE C 81 -12.09 23.06 10.17
C PHE C 81 -10.92 23.81 9.56
N VAL C 82 -10.19 23.10 8.70
CA VAL C 82 -9.12 23.72 7.95
C VAL C 82 -9.13 23.11 6.57
N VAL C 83 -8.83 23.94 5.58
CA VAL C 83 -8.79 23.49 4.20
C VAL C 83 -7.37 23.70 3.70
N LEU C 84 -6.73 22.62 3.29
CA LEU C 84 -5.36 22.68 2.78
C LEU C 84 -5.35 22.46 1.29
N PHE C 85 -4.53 23.27 0.62
CA PHE C 85 -4.29 23.10 -0.79
C PHE C 85 -2.86 22.61 -1.00
N GLN C 86 -2.72 21.53 -1.76
CA GLN C 86 -1.44 20.89 -1.92
C GLN C 86 -1.18 20.60 -3.38
N GLU C 87 0.04 20.90 -3.82
CA GLU C 87 0.44 20.59 -5.17
C GLU C 87 1.72 19.80 -5.17
N ILE C 88 1.78 18.84 -6.09
CA ILE C 88 2.99 18.06 -6.26
C ILE C 88 3.65 18.37 -7.59
N TYR C 89 4.95 18.69 -7.51
CA TYR C 89 5.77 18.93 -8.70
C TYR C 89 6.92 17.94 -8.80
N CYS C 90 7.15 17.40 -9.98
CA CYS C 90 8.38 16.65 -10.20
C CYS C 90 9.54 17.63 -10.38
N ILE C 91 10.60 17.48 -9.60
CA ILE C 91 11.71 18.44 -9.66
C ILE C 91 13.04 17.81 -10.06
N GLN C 92 13.14 16.49 -10.01
CA GLN C 92 14.39 15.81 -10.38
C GLN C 92 14.15 14.44 -10.98
N ASN C 93 15.06 14.02 -11.85
CA ASN C 93 15.17 12.65 -12.34
C ASN C 93 16.21 11.92 -11.50
N ALA C 94 16.12 10.61 -11.39
CA ALA C 94 17.18 9.85 -10.70
C ALA C 94 18.55 10.14 -11.33
N SER C 95 18.56 10.34 -12.65
CA SER C 95 19.79 10.51 -13.42
C SER C 95 20.41 11.89 -13.26
N LEU C 96 19.66 12.81 -12.66
CA LEU C 96 20.06 14.21 -12.49
C LEU C 96 20.17 14.99 -13.79
N GLU C 97 19.63 14.42 -14.87
CA GLU C 97 19.54 15.16 -16.12
C GLU C 97 18.65 16.36 -15.87
N PRO C 98 19.14 17.58 -16.17
CA PRO C 98 18.39 18.81 -15.90
C PRO C 98 16.97 18.79 -16.46
N MET C 99 16.05 19.36 -15.71
CA MET C 99 14.66 19.39 -16.14
C MET C 99 13.89 20.56 -15.54
N LYS C 100 12.96 21.09 -16.31
CA LYS C 100 12.05 22.11 -15.81
C LYS C 100 11.03 21.40 -14.90
N PRO C 101 10.81 21.89 -13.67
CA PRO C 101 9.80 21.18 -12.85
C PRO C 101 8.42 21.19 -13.50
N PHE C 102 7.67 20.10 -13.35
CA PHE C 102 6.34 20.01 -13.93
C PHE C 102 5.32 19.54 -12.88
N LYS C 103 4.10 20.07 -12.97
CA LYS C 103 3.03 19.69 -12.02
C LYS C 103 2.52 18.28 -12.29
N VAL C 104 2.31 17.52 -11.22
CA VAL C 104 1.94 16.11 -11.28
C VAL C 104 0.54 15.87 -10.73
N PHE C 105 0.16 16.66 -9.74
CA PHE C 105 -1.04 16.39 -8.92
C PHE C 105 -1.38 17.60 -8.07
N ALA C 106 -2.67 17.83 -7.84
CA ALA C 106 -3.10 18.85 -6.89
C ALA C 106 -4.32 18.36 -6.16
N SER C 107 -4.44 18.76 -4.91
CA SER C 107 -5.62 18.44 -4.09
C SER C 107 -5.98 19.56 -3.14
N GLU C 108 -7.29 19.71 -2.92
CA GLU C 108 -7.82 20.61 -1.93
C GLU C 108 -8.60 19.72 -0.98
N ILE C 109 -8.22 19.73 0.29
CA ILE C 109 -8.82 18.84 1.27
C ILE C 109 -9.31 19.61 2.46
N LYS C 110 -10.52 19.28 2.91
CA LYS C 110 -11.12 19.86 4.11
C LYS C 110 -11.03 18.86 5.26
N PHE C 111 -10.46 19.31 6.39
CA PHE C 111 -10.32 18.49 7.59
C PHE C 111 -11.09 19.12 8.73
N GLY C 112 -11.87 18.31 9.44
CA GLY C 112 -12.46 18.75 10.70
C GLY C 112 -11.64 18.13 11.81
N PHE C 113 -11.86 18.57 13.05
CA PHE C 113 -11.22 17.96 14.19
C PHE C 113 -12.32 17.33 15.04
N VAL C 114 -12.17 16.08 15.39
CA VAL C 114 -13.27 15.41 16.08
C VAL C 114 -12.89 14.89 17.45
N ASN C 115 -13.82 15.08 18.39
CA ASN C 115 -13.75 14.43 19.68
C ASN C 115 -13.81 12.93 19.40
N ARG C 116 -12.70 12.25 19.69
CA ARG C 116 -12.52 10.85 19.33
C ARG C 116 -13.79 10.01 19.37
N SER C 117 -14.01 9.32 20.50
CA SER C 117 -15.12 8.37 20.63
C SER C 117 -16.35 8.76 19.80
N THR C 118 -17.05 9.82 20.22
CA THR C 118 -18.24 10.28 19.53
C THR C 118 -18.01 10.56 18.04
N TYR C 119 -16.82 11.06 17.70
CA TYR C 119 -16.53 11.47 16.33
C TYR C 119 -17.24 12.81 16.08
N SER C 120 -17.52 13.50 17.19
CA SER C 120 -18.23 14.78 17.16
C SER C 120 -17.26 15.93 16.92
N PRO C 121 -17.62 16.87 16.03
CA PRO C 121 -16.73 17.95 15.64
C PRO C 121 -16.55 19.00 16.73
N ILE C 122 -15.29 19.28 17.07
CA ILE C 122 -14.94 20.30 18.06
C ILE C 122 -13.86 21.22 17.47
N ALA C 123 -13.63 22.36 18.12
CA ALA C 123 -12.60 23.30 17.68
C ALA C 123 -11.23 22.65 17.55
N ILE C 124 -10.45 23.11 16.56
CA ILE C 124 -9.04 22.72 16.48
C ILE C 124 -8.33 23.25 17.73
N PRO C 125 -7.51 22.43 18.39
CA PRO C 125 -6.80 22.82 19.61
C PRO C 125 -5.79 23.96 19.39
N LYS C 126 -5.49 24.70 20.46
CA LYS C 126 -4.62 25.89 20.42
C LYS C 126 -3.22 25.64 19.85
N LEU C 127 -2.62 24.54 20.27
CA LEU C 127 -1.29 24.17 19.81
C LEU C 127 -1.25 23.97 18.29
N PHE C 128 -2.20 23.21 17.75
CA PHE C 128 -2.24 22.92 16.31
C PHE C 128 -2.66 24.18 15.53
N LYS C 129 -3.61 24.92 16.11
CA LYS C 129 -4.08 26.18 15.56
C LYS C 129 -2.89 27.13 15.33
N GLU C 130 -2.12 27.37 16.38
CA GLU C 130 -0.97 28.26 16.28
C GLU C 130 0.05 27.76 15.26
N LEU C 131 0.30 26.46 15.25
CA LEU C 131 1.20 25.87 14.26
C LEU C 131 0.65 26.05 12.85
N LEU C 132 -0.60 25.61 12.68
CA LEU C 132 -1.26 25.56 11.38
C LEU C 132 -1.30 26.94 10.74
N ASN C 133 -1.34 27.97 11.59
CA ASN C 133 -1.31 29.35 11.13
C ASN C 133 -0.01 29.72 10.41
N ALA C 134 1.08 29.02 10.75
CA ALA C 134 2.39 29.31 10.17
C ALA C 134 2.77 28.37 9.00
N HIS D 2 -8.36 -22.54 -1.05
CA HIS D 2 -8.80 -21.99 0.27
C HIS D 2 -9.29 -20.55 0.12
N MET D 3 -8.51 -19.67 -0.50
CA MET D 3 -9.06 -18.37 -0.86
C MET D 3 -8.56 -17.87 -2.23
N ARG D 4 -9.45 -17.24 -3.00
CA ARG D 4 -9.09 -16.71 -4.32
C ARG D 4 -9.12 -15.17 -4.34
N CYS D 5 -8.18 -14.58 -5.06
CA CYS D 5 -8.20 -13.13 -5.22
CA CYS D 5 -7.97 -13.12 -5.11
C CYS D 5 -7.64 -12.74 -6.56
N ARG D 6 -8.06 -11.57 -6.99
CA ARG D 6 -7.74 -11.03 -8.31
C ARG D 6 -6.59 -10.06 -8.14
N VAL D 7 -5.66 -10.05 -9.09
CA VAL D 7 -4.56 -9.08 -9.12
C VAL D 7 -5.05 -7.79 -9.78
N TYR D 8 -5.05 -6.68 -9.04
CA TYR D 8 -5.51 -5.38 -9.56
C TYR D 8 -4.33 -4.45 -9.80
N TYR D 9 -4.56 -3.30 -10.43
CA TYR D 9 -3.48 -2.34 -10.73
C TYR D 9 -2.70 -1.97 -9.48
N GLU D 10 -3.40 -1.78 -8.37
CA GLU D 10 -2.76 -1.37 -7.13
C GLU D 10 -1.66 -2.36 -6.68
N ASP D 11 -1.78 -3.60 -7.17
CA ASP D 11 -0.91 -4.72 -6.80
C ASP D 11 0.36 -4.87 -7.65
N THR D 12 0.37 -4.26 -8.83
CA THR D 12 1.45 -4.44 -9.80
C THR D 12 2.49 -3.35 -9.67
N ASP D 13 3.70 -3.59 -10.18
CA ASP D 13 4.72 -2.54 -10.28
C ASP D 13 5.08 -2.27 -11.74
N SER D 14 6.10 -1.42 -11.92
CA SER D 14 6.52 -0.94 -13.24
C SER D 14 7.02 -2.06 -14.13
N GLU D 15 7.40 -3.17 -13.51
CA GLU D 15 7.79 -4.35 -14.29
C GLU D 15 6.61 -5.17 -14.81
N GLY D 16 5.38 -4.79 -14.44
CA GLY D 16 4.18 -5.49 -14.89
C GLY D 16 3.84 -6.77 -14.13
N VAL D 17 4.44 -6.96 -12.97
CA VAL D 17 4.13 -8.11 -12.13
C VAL D 17 3.78 -7.63 -10.73
N VAL D 18 3.32 -8.55 -9.88
CA VAL D 18 2.96 -8.17 -8.54
C VAL D 18 4.20 -7.70 -7.77
N TYR D 19 4.11 -6.51 -7.21
CA TYR D 19 5.14 -6.02 -6.30
C TYR D 19 5.33 -7.03 -5.14
N HIS D 20 6.59 -7.39 -4.86
CA HIS D 20 6.90 -8.57 -4.03
C HIS D 20 6.19 -8.61 -2.68
N ALA D 21 6.11 -7.47 -2.00
CA ALA D 21 5.53 -7.38 -0.67
C ALA D 21 4.02 -7.68 -0.65
N ASN D 22 3.36 -7.52 -1.79
CA ASN D 22 1.94 -7.74 -1.89
C ASN D 22 1.54 -9.20 -1.72
N TYR D 23 2.47 -10.11 -1.99
CA TYR D 23 2.19 -11.53 -1.72
C TYR D 23 1.95 -11.77 -0.22
N LEU D 24 2.67 -11.03 0.62
CA LEU D 24 2.46 -11.11 2.06
CA LEU D 24 2.46 -11.11 2.06
C LEU D 24 1.07 -10.61 2.43
N LYS D 25 0.58 -9.59 1.71
CA LYS D 25 -0.79 -9.11 1.93
C LYS D 25 -1.85 -10.18 1.57
N TYR D 26 -1.73 -10.79 0.39
CA TYR D 26 -2.66 -11.86 0.03
C TYR D 26 -2.66 -12.97 1.08
N CYS D 27 -1.48 -13.31 1.59
CA CYS D 27 -1.38 -14.34 2.63
C CYS D 27 -2.06 -13.89 3.91
N GLU D 28 -1.87 -12.63 4.28
CA GLU D 28 -2.53 -12.11 5.46
C GLU D 28 -4.06 -12.19 5.29
N ARG D 29 -4.56 -11.80 4.11
CA ARG D 29 -6.01 -11.88 3.89
C ARG D 29 -6.54 -13.29 4.11
N ALA D 30 -5.82 -14.29 3.61
CA ALA D 30 -6.28 -15.67 3.73
C ALA D 30 -6.33 -16.08 5.20
N ARG D 31 -5.33 -15.68 5.98
CA ARG D 31 -5.34 -15.92 7.44
C ARG D 31 -6.54 -15.26 8.11
N SER D 32 -6.70 -13.96 7.89
CA SER D 32 -7.76 -13.25 8.57
C SER D 32 -9.17 -13.66 8.13
N GLU D 33 -9.35 -13.90 6.84
CA GLU D 33 -10.66 -14.31 6.33
C GLU D 33 -11.08 -15.64 6.98
N PHE D 34 -10.12 -16.50 7.30
CA PHE D 34 -10.43 -17.77 7.99
C PHE D 34 -11.23 -17.49 9.26
N PHE D 35 -10.82 -16.45 10.00
CA PHE D 35 -11.52 -16.04 11.20
C PHE D 35 -12.80 -15.28 10.87
N PHE D 36 -12.69 -14.30 9.97
CA PHE D 36 -13.84 -13.46 9.64
C PHE D 36 -15.04 -14.31 9.18
N LYS D 37 -14.78 -15.29 8.34
CA LYS D 37 -15.89 -16.10 7.82
C LYS D 37 -16.52 -16.96 8.91
N GLN D 38 -15.78 -17.16 10.00
CA GLN D 38 -16.31 -17.83 11.18
C GLN D 38 -16.81 -16.81 12.21
N ASN D 39 -17.01 -15.58 11.73
CA ASN D 39 -17.65 -14.52 12.49
C ASN D 39 -16.89 -14.06 13.74
N VAL D 40 -15.56 -14.09 13.69
CA VAL D 40 -14.78 -13.49 14.75
C VAL D 40 -13.63 -12.68 14.16
N LEU D 41 -13.12 -11.71 14.92
CA LEU D 41 -11.87 -11.05 14.58
C LEU D 41 -10.70 -11.86 15.11
N PRO D 42 -9.56 -11.84 14.42
CA PRO D 42 -8.39 -12.61 14.89
C PRO D 42 -7.61 -11.88 16.01
N GLU D 43 -8.36 -11.35 16.95
CA GLU D 43 -7.87 -10.60 18.08
C GLU D 43 -9.01 -10.48 19.09
N ASN D 44 -8.70 -10.09 20.31
CA ASN D 44 -9.75 -9.94 21.29
C ASN D 44 -9.42 -8.86 22.32
N GLU D 45 -10.21 -8.84 23.39
CA GLU D 45 -10.05 -7.91 24.49
C GLU D 45 -8.61 -7.39 24.73
N GLU D 46 -7.75 -8.22 25.28
CA GLU D 46 -6.42 -7.76 25.66
C GLU D 46 -5.30 -8.26 24.75
N GLY D 47 -5.61 -9.09 23.76
CA GLY D 47 -4.55 -9.79 22.99
C GLY D 47 -4.66 -9.82 21.47
N VAL D 48 -3.51 -10.00 20.82
CA VAL D 48 -3.41 -10.05 19.38
C VAL D 48 -2.38 -11.09 18.96
N PHE D 49 -2.49 -11.60 17.74
CA PHE D 49 -1.41 -12.41 17.18
C PHE D 49 -0.25 -11.50 16.81
N VAL D 50 0.97 -12.01 16.94
CA VAL D 50 2.17 -11.27 16.55
C VAL D 50 3.07 -12.13 15.68
N ILE D 51 3.56 -11.58 14.59
CA ILE D 51 4.41 -12.34 13.70
C ILE D 51 5.81 -12.33 14.27
N ARG D 52 6.39 -13.53 14.38
CA ARG D 52 7.74 -13.69 14.90
C ARG D 52 8.76 -13.70 13.76
N SER D 53 8.44 -14.43 12.70
CA SER D 53 9.40 -14.69 11.63
C SER D 53 8.66 -15.08 10.35
N ILE D 54 9.29 -14.81 9.22
CA ILE D 54 8.77 -15.22 7.93
C ILE D 54 9.90 -15.84 7.11
N LYS D 55 9.60 -16.92 6.41
CA LYS D 55 10.50 -17.48 5.40
C LYS D 55 9.69 -17.54 4.12
N ALA D 56 10.10 -16.81 3.09
CA ALA D 56 9.29 -16.80 1.87
C ALA D 56 10.14 -17.06 0.65
N ASP D 57 9.56 -17.77 -0.32
CA ASP D 57 10.20 -18.06 -1.59
C ASP D 57 9.34 -17.54 -2.71
N PHE D 58 9.99 -16.94 -3.70
CA PHE D 58 9.30 -16.35 -4.82
C PHE D 58 9.54 -17.20 -6.06
N PHE D 59 8.48 -17.48 -6.80
CA PHE D 59 8.56 -18.30 -7.98
C PHE D 59 8.05 -17.51 -9.17
N THR D 60 7.25 -18.12 -10.04
CA THR D 60 6.78 -17.41 -11.23
C THR D 60 5.90 -16.23 -10.84
N PRO D 61 6.21 -15.03 -11.33
CA PRO D 61 5.40 -13.89 -10.94
C PRO D 61 4.02 -13.87 -11.57
N ALA D 62 3.05 -13.43 -10.79
CA ALA D 62 1.70 -13.19 -11.29
C ALA D 62 1.59 -11.78 -11.85
N SER D 63 0.54 -11.55 -12.62
CA SER D 63 0.37 -10.25 -13.22
C SER D 63 -1.09 -9.82 -13.26
N LEU D 64 -1.30 -8.66 -13.85
CA LEU D 64 -2.57 -7.95 -13.83
C LEU D 64 -3.71 -8.85 -14.30
N GLY D 65 -4.78 -8.90 -13.50
CA GLY D 65 -6.04 -9.54 -13.92
C GLY D 65 -6.07 -11.04 -13.71
N GLN D 66 -4.95 -11.61 -13.26
CA GLN D 66 -4.93 -13.02 -12.94
C GLN D 66 -5.71 -13.34 -11.67
N VAL D 67 -6.22 -14.55 -11.56
CA VAL D 67 -6.80 -15.02 -10.32
C VAL D 67 -5.82 -15.92 -9.58
N LEU D 68 -5.54 -15.56 -8.34
CA LEU D 68 -4.62 -16.33 -7.50
C LEU D 68 -5.41 -17.14 -6.49
N GLU D 69 -4.86 -18.27 -6.07
CA GLU D 69 -5.45 -19.11 -5.05
C GLU D 69 -4.42 -19.28 -3.95
N ILE D 70 -4.81 -18.90 -2.74
CA ILE D 70 -3.94 -18.99 -1.57
C ILE D 70 -4.40 -20.19 -0.75
N ARG D 71 -3.48 -21.14 -0.58
CA ARG D 71 -3.75 -22.35 0.18
C ARG D 71 -2.97 -22.29 1.48
N THR D 72 -3.67 -22.51 2.59
CA THR D 72 -3.08 -22.35 3.90
C THR D 72 -3.16 -23.65 4.67
N GLN D 73 -2.04 -24.10 5.21
CA GLN D 73 -2.07 -25.25 6.13
C GLN D 73 -1.34 -24.97 7.44
N ILE D 74 -1.74 -25.68 8.48
CA ILE D 74 -1.11 -25.53 9.77
C ILE D 74 0.08 -26.47 9.84
N LYS D 75 1.27 -25.89 9.89
CA LYS D 75 2.50 -26.67 9.99
C LYS D 75 2.76 -27.12 11.43
N GLU D 76 2.53 -26.21 12.36
CA GLU D 76 2.65 -26.55 13.77
C GLU D 76 1.70 -25.70 14.61
N LEU D 77 1.02 -26.34 15.56
CA LEU D 77 0.14 -25.64 16.48
C LEU D 77 0.48 -26.08 17.89
N ARG D 78 0.93 -25.14 18.70
CA ARG D 78 1.24 -25.40 20.10
C ARG D 78 0.42 -24.49 21.01
N LYS D 79 0.56 -24.68 22.31
CA LYS D 79 -0.19 -23.89 23.27
C LYS D 79 -0.02 -22.39 23.01
N VAL D 80 1.21 -21.99 22.67
CA VAL D 80 1.56 -20.57 22.66
C VAL D 80 1.99 -20.02 21.29
N PHE D 81 2.05 -20.89 20.29
CA PHE D 81 2.38 -20.43 18.94
C PHE D 81 1.74 -21.29 17.86
N VAL D 82 1.68 -20.75 16.65
CA VAL D 82 1.19 -21.49 15.50
C VAL D 82 2.05 -21.13 14.29
N VAL D 83 2.42 -22.15 13.53
CA VAL D 83 3.21 -21.94 12.33
C VAL D 83 2.34 -22.31 11.14
N LEU D 84 2.21 -21.38 10.19
CA LEU D 84 1.40 -21.61 8.99
C LEU D 84 2.27 -21.68 7.75
N PHE D 85 1.94 -22.62 6.88
CA PHE D 85 2.53 -22.66 5.58
C PHE D 85 1.51 -22.26 4.53
N GLN D 86 1.87 -21.31 3.70
CA GLN D 86 0.96 -20.82 2.68
C GLN D 86 1.62 -20.80 1.31
N GLU D 87 0.86 -21.20 0.30
CA GLU D 87 1.35 -21.21 -1.07
C GLU D 87 0.31 -20.51 -1.92
N ILE D 88 0.81 -19.73 -2.88
CA ILE D 88 -0.06 -19.06 -3.81
C ILE D 88 0.16 -19.64 -5.20
N TYR D 89 -0.95 -19.98 -5.85
CA TYR D 89 -0.95 -20.45 -7.24
C TYR D 89 -1.73 -19.50 -8.13
N CYS D 90 -1.26 -19.32 -9.35
CA CYS D 90 -2.06 -18.63 -10.35
C CYS D 90 -2.87 -19.68 -11.09
N ILE D 91 -4.17 -19.46 -11.16
CA ILE D 91 -5.09 -20.46 -11.72
C ILE D 91 -5.84 -20.04 -12.99
N GLN D 92 -5.96 -18.72 -13.21
CA GLN D 92 -6.72 -18.20 -14.33
C GLN D 92 -6.17 -16.86 -14.81
N ASN D 93 -6.22 -16.63 -16.12
CA ASN D 93 -5.96 -15.33 -16.74
C ASN D 93 -7.29 -14.57 -16.76
N ALA D 94 -7.25 -13.24 -16.87
CA ALA D 94 -8.49 -12.48 -17.06
C ALA D 94 -9.14 -12.82 -18.40
N SER D 95 -8.30 -13.05 -19.41
CA SER D 95 -8.71 -13.40 -20.78
C SER D 95 -9.33 -14.78 -20.89
N LEU D 96 -9.10 -15.61 -19.89
CA LEU D 96 -9.73 -16.93 -19.79
C LEU D 96 -9.05 -18.03 -20.58
N GLU D 97 -8.01 -17.68 -21.33
CA GLU D 97 -7.29 -18.73 -22.06
C GLU D 97 -6.89 -19.77 -21.04
N PRO D 98 -7.24 -21.06 -21.28
CA PRO D 98 -6.85 -22.14 -20.39
C PRO D 98 -5.34 -22.11 -20.11
N MET D 99 -4.96 -22.55 -18.91
CA MET D 99 -3.57 -22.59 -18.49
C MET D 99 -3.42 -23.57 -17.34
N LYS D 100 -2.28 -24.26 -17.29
CA LYS D 100 -1.94 -25.06 -16.13
C LYS D 100 -1.57 -24.08 -15.03
N PRO D 101 -2.21 -24.21 -13.85
CA PRO D 101 -1.89 -23.41 -12.68
C PRO D 101 -0.41 -23.51 -12.38
N PHE D 102 0.18 -22.45 -11.82
CA PHE D 102 1.59 -22.49 -11.52
C PHE D 102 1.85 -21.81 -10.18
N LYS D 103 2.87 -22.28 -9.46
CA LYS D 103 3.20 -21.72 -8.15
C LYS D 103 3.84 -20.35 -8.29
N VAL D 104 3.41 -19.40 -7.45
CA VAL D 104 3.87 -18.02 -7.53
C VAL D 104 4.70 -17.62 -6.29
N PHE D 105 4.35 -18.21 -5.15
CA PHE D 105 4.90 -17.76 -3.86
C PHE D 105 4.60 -18.81 -2.82
N ALA D 106 5.49 -18.93 -1.84
CA ALA D 106 5.28 -19.76 -0.67
C ALA D 106 5.92 -19.07 0.54
N SER D 107 5.27 -19.22 1.69
CA SER D 107 5.76 -18.66 2.93
C SER D 107 5.44 -19.53 4.14
N GLU D 108 6.37 -19.52 5.08
CA GLU D 108 6.18 -20.16 6.36
C GLU D 108 6.32 -19.06 7.38
N ILE D 109 5.28 -18.86 8.19
CA ILE D 109 5.23 -17.78 9.14
C ILE D 109 4.86 -18.28 10.53
N LYS D 110 5.60 -17.83 11.54
CA LYS D 110 5.33 -18.20 12.92
C LYS D 110 4.66 -17.04 13.64
N PHE D 111 3.56 -17.32 14.33
CA PHE D 111 2.83 -16.31 15.11
C PHE D 111 2.84 -16.67 16.59
N GLY D 112 3.06 -15.67 17.42
CA GLY D 112 2.75 -15.78 18.84
C GLY D 112 1.41 -15.12 19.13
N PHE D 113 0.95 -15.23 20.37
CA PHE D 113 -0.21 -14.47 20.83
C PHE D 113 0.21 -13.74 22.10
N VAL D 114 0.04 -12.42 22.11
CA VAL D 114 0.52 -11.61 23.23
C VAL D 114 -0.53 -10.64 23.77
N ASN D 115 -0.36 -10.25 25.03
CA ASN D 115 -1.13 -9.14 25.59
C ASN D 115 -0.72 -7.86 24.86
N ARG D 116 -1.71 -7.05 24.48
CA ARG D 116 -1.45 -5.85 23.68
C ARG D 116 -0.46 -4.90 24.31
N SER D 117 -0.69 -4.60 25.59
CA SER D 117 0.02 -3.54 26.28
C SER D 117 1.45 -3.92 26.60
N THR D 118 1.64 -5.17 27.04
CA THR D 118 2.94 -5.65 27.52
C THR D 118 3.75 -6.45 26.49
N TYR D 119 3.07 -6.94 25.45
CA TYR D 119 3.67 -7.91 24.52
C TYR D 119 4.11 -9.21 25.18
N SER D 120 3.58 -9.48 26.37
CA SER D 120 3.86 -10.73 27.07
C SER D 120 3.11 -11.88 26.40
N PRO D 121 3.84 -12.94 26.06
CA PRO D 121 3.28 -14.13 25.44
C PRO D 121 2.27 -14.87 26.32
N ILE D 122 1.10 -15.16 25.75
CA ILE D 122 0.11 -16.01 26.41
C ILE D 122 -0.32 -17.12 25.46
N ALA D 123 -1.09 -18.07 25.99
CA ALA D 123 -1.59 -19.13 25.16
C ALA D 123 -2.54 -18.55 24.11
N ILE D 124 -2.53 -19.13 22.93
CA ILE D 124 -3.54 -18.81 21.93
C ILE D 124 -4.90 -19.08 22.60
N PRO D 125 -5.79 -18.07 22.62
CA PRO D 125 -7.09 -18.22 23.30
C PRO D 125 -7.87 -19.44 22.84
N LYS D 126 -8.66 -20.03 23.74
CA LYS D 126 -9.45 -21.22 23.42
C LYS D 126 -10.21 -21.05 22.11
N LEU D 127 -10.91 -19.92 21.98
CA LEU D 127 -11.71 -19.64 20.79
C LEU D 127 -10.93 -19.93 19.49
N PHE D 128 -9.73 -19.36 19.39
CA PHE D 128 -8.93 -19.46 18.17
C PHE D 128 -8.29 -20.83 18.03
N LYS D 129 -7.88 -21.40 19.16
CA LYS D 129 -7.31 -22.74 19.14
C LYS D 129 -8.32 -23.76 18.62
N GLU D 130 -9.55 -23.72 19.13
CA GLU D 130 -10.63 -24.60 18.67
C GLU D 130 -10.84 -24.47 17.17
N LEU D 131 -10.95 -23.24 16.69
CA LEU D 131 -11.12 -22.96 15.27
C LEU D 131 -9.99 -23.54 14.44
N LEU D 132 -8.77 -23.35 14.91
CA LEU D 132 -7.58 -23.84 14.22
C LEU D 132 -7.50 -25.37 14.21
N ASN D 133 -8.05 -25.99 15.24
CA ASN D 133 -8.11 -27.46 15.30
C ASN D 133 -9.06 -28.01 14.24
N ALA D 134 -10.22 -27.37 14.10
CA ALA D 134 -11.17 -27.72 13.05
C ALA D 134 -10.74 -27.15 11.69
#